data_6J0Q
#
_entry.id   6J0Q
#
_cell.length_a   76.237
_cell.length_b   76.237
_cell.length_c   241.799
_cell.angle_alpha   90.00
_cell.angle_beta   90.00
_cell.angle_gamma   90.00
#
_symmetry.space_group_name_H-M   'P 43 21 2'
#
loop_
_entity.id
_entity.type
_entity.pdbx_description
1 polymer 'VP1 capsid protein'
2 water water
#
_entity_poly.entity_id   1
_entity_poly.type   'polypeptide(L)'
_entity_poly.pdbx_seq_one_letter_code
;SKTKPFSLPSLTLDELSNSRFPAPIVQLYTNPHDNLVVQPQNGRCTIDGLLQGTTQLVSCNVCSFRGTLGDGQPASHSEE
EIMPMAFNIQREIMLENLDGSPYDPTDDIPAVLGSPDFQGVVFGILSQRNTDGQTRAHEAKVDTRLARFAPKLGFVVATV
ENTDFHANQPCRFTPVGLGGDNNRDFNQWGLPAYGGALTNNTNLAPPVMPVYPGEQLLFFRSQLPSSGGVVGGWLDCLLP
QEWVQHFFQESATSQSDVALVRYINPTTGRVLFEAKLHKQGFLTVAASGSYPLVVPADGYFRFESWVNQFYTLAPMGNGS
G
;
_entity_poly.pdbx_strand_id   A,B
#
# COMPACT_ATOMS: atom_id res chain seq x y z
N LYS A 4 -14.65 -21.80 5.48
CA LYS A 4 -14.36 -22.60 4.25
C LYS A 4 -15.39 -22.52 3.09
N PRO A 5 -16.62 -22.00 3.33
CA PRO A 5 -17.38 -21.54 2.15
C PRO A 5 -16.66 -20.38 1.47
N PHE A 6 -16.67 -20.38 0.14
CA PHE A 6 -15.95 -19.35 -0.63
C PHE A 6 -16.61 -17.98 -0.44
N SER A 7 -15.79 -16.94 -0.47
CA SER A 7 -16.28 -15.57 -0.30
C SER A 7 -15.31 -14.60 -0.95
N LEU A 8 -15.83 -13.41 -1.22
CA LEU A 8 -15.04 -12.28 -1.67
C LEU A 8 -14.99 -11.23 -0.57
N PRO A 9 -13.94 -10.41 -0.56
CA PRO A 9 -14.03 -9.21 0.26
C PRO A 9 -15.20 -8.34 -0.20
N SER A 10 -15.80 -7.60 0.74
CA SER A 10 -16.90 -6.71 0.42
C SER A 10 -16.41 -5.27 0.16
N LEU A 11 -15.11 -5.06 0.06
CA LEU A 11 -14.56 -3.74 -0.23
C LEU A 11 -15.06 -3.30 -1.60
N THR A 12 -15.42 -2.04 -1.70
CA THR A 12 -15.92 -1.48 -2.94
C THR A 12 -14.75 -1.24 -3.89
N LEU A 13 -15.08 -0.95 -5.13
CA LEU A 13 -14.07 -0.75 -6.14
C LEU A 13 -13.08 0.33 -5.71
N ASP A 14 -13.60 1.42 -5.15
CA ASP A 14 -12.75 2.52 -4.72
C ASP A 14 -12.16 2.34 -3.30
N GLU A 15 -12.25 1.14 -2.75
CA GLU A 15 -11.56 0.76 -1.52
C GLU A 15 -10.44 -0.24 -1.78
N LEU A 16 -10.24 -0.62 -3.04
CA LEU A 16 -9.29 -1.65 -3.42
C LEU A 16 -8.03 -1.04 -4.00
N SER A 17 -6.96 -1.81 -4.03
CA SER A 17 -5.71 -1.34 -4.59
C SER A 17 -5.13 -2.39 -5.54
N ASN A 18 -4.26 -1.93 -6.42
CA ASN A 18 -3.71 -2.78 -7.47
C ASN A 18 -2.73 -3.74 -6.85
N SER A 19 -2.71 -4.97 -7.37
CA SER A 19 -1.78 -6.00 -6.93
C SER A 19 -0.47 -5.99 -7.71
N ARG A 20 -0.39 -5.18 -8.75
CA ARG A 20 0.83 -5.11 -9.57
C ARG A 20 1.63 -3.82 -9.35
N PHE A 21 1.10 -2.91 -8.53
CA PHE A 21 1.76 -1.64 -8.20
C PHE A 21 0.96 -1.02 -7.05
N PRO A 22 1.63 -0.28 -6.15
CA PRO A 22 0.84 0.35 -5.10
C PRO A 22 0.09 1.56 -5.64
N ALA A 23 -1.13 1.33 -6.11
CA ALA A 23 -1.98 2.39 -6.66
C ALA A 23 -3.43 2.01 -6.44
N PRO A 24 -4.32 3.02 -6.27
CA PRO A 24 -5.73 2.67 -6.12
C PRO A 24 -6.30 2.13 -7.41
N ILE A 25 -7.34 1.29 -7.28
CA ILE A 25 -8.14 0.89 -8.44
C ILE A 25 -9.08 2.05 -8.78
N VAL A 26 -9.04 2.50 -10.03
CA VAL A 26 -9.91 3.60 -10.47
C VAL A 26 -11.00 3.16 -11.44
N GLN A 27 -10.83 2.01 -12.10
CA GLN A 27 -11.78 1.52 -13.10
C GLN A 27 -11.79 0.01 -13.19
N LEU A 28 -12.87 -0.52 -13.73
CA LEU A 28 -12.87 -1.86 -14.31
C LEU A 28 -12.72 -1.68 -15.80
N TYR A 29 -11.91 -2.54 -16.42
CA TYR A 29 -11.55 -2.38 -17.83
C TYR A 29 -11.57 -3.73 -18.54
N THR A 30 -12.12 -3.75 -19.75
CA THR A 30 -12.13 -4.96 -20.56
C THR A 30 -11.57 -4.66 -21.94
N ASN A 31 -10.95 -5.68 -22.53
CA ASN A 31 -10.45 -5.62 -23.91
C ASN A 31 -10.33 -7.02 -24.46
N PRO A 32 -10.34 -7.16 -25.81
CA PRO A 32 -10.06 -8.48 -26.43
C PRO A 32 -8.65 -8.94 -26.11
N HIS A 33 -8.42 -10.24 -26.07
CA HIS A 33 -7.07 -10.74 -25.76
C HIS A 33 -6.31 -11.14 -27.02
N ASP A 34 -6.73 -10.62 -28.16
CA ASP A 34 -6.13 -10.96 -29.45
C ASP A 34 -4.74 -10.35 -29.54
N ASN A 35 -3.75 -11.17 -29.89
CA ASN A 35 -2.34 -10.76 -29.96
C ASN A 35 -1.74 -10.26 -28.63
N LEU A 36 -2.28 -10.74 -27.52
CA LEU A 36 -1.73 -10.47 -26.21
C LEU A 36 -1.44 -11.80 -25.56
N VAL A 37 -0.30 -11.91 -24.89
CA VAL A 37 -0.16 -12.94 -23.90
C VAL A 37 -0.32 -12.20 -22.58
N VAL A 38 -1.35 -12.56 -21.82
CA VAL A 38 -1.60 -11.91 -20.55
C VAL A 38 -1.05 -12.84 -19.47
N GLN A 39 0.13 -12.50 -18.94
CA GLN A 39 0.83 -13.37 -18.03
C GLN A 39 1.52 -12.57 -16.92
N PRO A 40 0.74 -11.73 -16.20
CA PRO A 40 1.38 -11.03 -15.10
C PRO A 40 1.84 -12.01 -14.02
N GLN A 41 2.83 -11.59 -13.25
CA GLN A 41 3.41 -12.40 -12.17
C GLN A 41 3.15 -11.84 -10.77
N ASN A 42 2.85 -10.56 -10.66
CA ASN A 42 2.29 -10.03 -9.41
C ASN A 42 0.77 -10.10 -9.46
N GLY A 43 0.14 -10.19 -8.29
CA GLY A 43 -1.31 -10.33 -8.21
C GLY A 43 -1.81 -11.64 -8.79
N ARG A 44 -1.03 -12.70 -8.59
CA ARG A 44 -1.40 -14.03 -8.99
C ARG A 44 -1.69 -14.87 -7.75
N CYS A 45 -2.96 -15.22 -7.61
CA CYS A 45 -3.44 -16.09 -6.54
C CYS A 45 -4.64 -16.85 -7.06
N THR A 46 -4.63 -18.17 -6.91
CA THR A 46 -5.82 -18.98 -7.25
C THR A 46 -6.88 -18.66 -6.20
N ILE A 47 -8.15 -18.89 -6.54
CA ILE A 47 -9.22 -18.52 -5.62
C ILE A 47 -9.30 -19.43 -4.41
N ASP A 48 -8.54 -20.54 -4.43
CA ASP A 48 -8.37 -21.38 -3.23
C ASP A 48 -7.04 -21.13 -2.49
N GLY A 49 -6.36 -20.05 -2.84
CA GLY A 49 -5.28 -19.51 -1.99
C GLY A 49 -3.84 -19.87 -2.31
N LEU A 50 -3.55 -20.27 -3.54
CA LEU A 50 -2.19 -20.57 -3.94
C LEU A 50 -1.56 -19.34 -4.61
N LEU A 51 -0.57 -18.74 -3.96
CA LEU A 51 0.17 -17.64 -4.58
C LEU A 51 1.06 -18.19 -5.68
N GLN A 52 1.26 -17.40 -6.73
CA GLN A 52 2.08 -17.79 -7.85
C GLN A 52 2.95 -16.62 -8.32
N GLY A 53 3.86 -16.92 -9.22
CA GLY A 53 4.80 -15.92 -9.75
C GLY A 53 5.64 -15.26 -8.69
N THR A 54 5.68 -13.92 -8.74
CA THR A 54 6.42 -13.10 -7.77
C THR A 54 5.50 -12.51 -6.70
N THR A 55 4.28 -13.02 -6.62
CA THR A 55 3.26 -12.42 -5.76
C THR A 55 3.58 -12.61 -4.26
N GLN A 56 3.55 -11.50 -3.51
CA GLN A 56 3.67 -11.55 -2.06
C GLN A 56 2.56 -10.69 -1.48
N LEU A 57 2.43 -10.65 -0.16
CA LEU A 57 1.21 -10.17 0.49
C LEU A 57 1.24 -8.72 0.94
N VAL A 58 2.42 -8.12 1.00
CA VAL A 58 2.56 -6.75 1.48
C VAL A 58 2.30 -5.73 0.36
N SER A 59 1.20 -5.02 0.48
CA SER A 59 0.73 -4.08 -0.53
C SER A 59 1.76 -3.02 -0.90
N CYS A 60 2.41 -2.44 0.10
CA CYS A 60 3.37 -1.37 -0.13
C CYS A 60 4.71 -1.87 -0.64
N ASN A 61 4.89 -3.19 -0.75
CA ASN A 61 6.12 -3.77 -1.24
C ASN A 61 6.11 -4.12 -2.73
N VAL A 62 4.96 -4.01 -3.39
CA VAL A 62 4.88 -4.39 -4.79
C VAL A 62 5.66 -3.39 -5.63
N CYS A 63 6.58 -3.91 -6.43
CA CYS A 63 7.54 -3.14 -7.23
C CYS A 63 8.62 -2.42 -6.41
N SER A 64 8.74 -2.73 -5.12
CA SER A 64 9.89 -2.28 -4.34
C SER A 64 11.07 -3.23 -4.53
N PHE A 65 12.26 -2.69 -4.27
CA PHE A 65 13.49 -3.46 -4.15
C PHE A 65 14.22 -3.04 -2.87
N ARG A 66 15.00 -3.97 -2.36
CA ARG A 66 15.76 -3.77 -1.15
C ARG A 66 17.11 -4.49 -1.26
N GLY A 67 18.17 -3.87 -0.76
CA GLY A 67 19.48 -4.52 -0.77
C GLY A 67 20.63 -3.60 -0.43
N THR A 68 21.76 -3.83 -1.09
CA THR A 68 22.98 -3.06 -0.88
C THR A 68 23.29 -2.31 -2.16
N LEU A 69 23.54 -1.01 -2.02
CA LEU A 69 23.82 -0.14 -3.16
C LEU A 69 25.30 -0.21 -3.48
N GLY A 70 25.62 -0.32 -4.78
CA GLY A 70 27.01 -0.30 -5.23
C GLY A 70 27.50 1.06 -5.72
N ASP A 71 28.75 1.09 -6.20
CA ASP A 71 29.38 2.32 -6.74
C ASP A 71 28.64 2.86 -7.97
N GLY A 72 28.78 4.15 -8.21
CA GLY A 72 28.23 4.80 -9.40
C GLY A 72 29.15 4.70 -10.60
N GLN A 73 28.56 4.52 -11.77
CA GLN A 73 29.28 4.56 -13.04
C GLN A 73 28.46 5.39 -14.01
N PRO A 74 29.13 6.06 -14.94
CA PRO A 74 28.35 6.81 -15.94
C PRO A 74 27.50 5.90 -16.84
N ALA A 75 26.33 6.37 -17.24
CA ALA A 75 25.58 5.83 -18.38
C ALA A 75 25.17 4.39 -18.17
N MET A 85 19.12 13.20 -21.09
CA MET A 85 19.15 12.20 -20.02
C MET A 85 19.83 12.74 -18.76
N ALA A 86 19.04 13.29 -17.85
CA ALA A 86 19.56 13.79 -16.56
C ALA A 86 19.94 12.63 -15.63
N PHE A 87 19.21 11.53 -15.80
CA PHE A 87 19.45 10.33 -15.01
C PHE A 87 20.51 9.49 -15.69
N ASN A 88 21.76 9.81 -15.41
CA ASN A 88 22.90 9.33 -16.19
C ASN A 88 23.99 8.67 -15.35
N ILE A 89 23.65 8.31 -14.11
CA ILE A 89 24.55 7.57 -13.24
C ILE A 89 23.86 6.24 -12.92
N GLN A 90 24.61 5.15 -13.06
CA GLN A 90 24.08 3.82 -12.82
C GLN A 90 24.68 3.28 -11.55
N ARG A 91 23.82 2.77 -10.67
CA ARG A 91 24.24 2.06 -9.46
C ARG A 91 23.50 0.75 -9.34
N GLU A 92 24.24 -0.30 -9.06
CA GLU A 92 23.64 -1.62 -8.91
C GLU A 92 23.08 -1.78 -7.51
N ILE A 93 21.93 -2.42 -7.43
CA ILE A 93 21.42 -2.91 -6.14
C ILE A 93 21.63 -4.41 -6.14
N MET A 94 22.39 -4.90 -5.17
CA MET A 94 22.47 -6.32 -4.87
C MET A 94 21.33 -6.64 -3.91
N LEU A 95 20.37 -7.43 -4.38
CA LEU A 95 19.10 -7.58 -3.73
C LEU A 95 19.10 -8.50 -2.52
N GLU A 96 18.23 -8.17 -1.58
CA GLU A 96 17.76 -9.05 -0.52
C GLU A 96 16.28 -9.30 -0.75
N ASN A 97 15.70 -10.22 0.02
CA ASN A 97 14.24 -10.29 0.11
C ASN A 97 13.74 -8.98 0.74
N LEU A 98 12.46 -8.70 0.53
CA LEU A 98 11.86 -7.45 1.04
C LEU A 98 11.82 -7.37 2.58
N ASP A 99 11.86 -8.51 3.26
CA ASP A 99 12.01 -8.50 4.71
C ASP A 99 13.47 -8.39 5.19
N GLY A 100 14.42 -8.27 4.27
CA GLY A 100 15.82 -8.11 4.63
C GLY A 100 16.59 -9.42 4.79
N SER A 101 15.91 -10.55 4.72
CA SER A 101 16.57 -11.85 4.74
C SER A 101 17.29 -12.10 3.41
N PRO A 102 18.33 -12.95 3.43
CA PRO A 102 19.11 -13.20 2.21
C PRO A 102 18.25 -13.73 1.08
N TYR A 103 18.45 -13.21 -0.13
CA TYR A 103 17.71 -13.68 -1.29
C TYR A 103 18.32 -14.97 -1.80
N ASP A 104 17.48 -15.95 -2.07
CA ASP A 104 17.91 -17.24 -2.59
C ASP A 104 17.55 -17.35 -4.07
N PRO A 105 18.55 -17.18 -4.97
CA PRO A 105 18.27 -17.22 -6.40
C PRO A 105 17.79 -18.58 -6.90
N THR A 106 17.80 -19.62 -6.06
CA THR A 106 17.34 -20.95 -6.46
C THR A 106 15.89 -21.28 -6.04
N ASP A 107 15.20 -20.38 -5.37
CA ASP A 107 13.79 -20.58 -5.03
C ASP A 107 12.94 -20.77 -6.31
N ASP A 108 11.81 -21.45 -6.16
CA ASP A 108 10.94 -21.75 -7.30
C ASP A 108 10.05 -20.57 -7.64
N ILE A 109 10.67 -19.45 -8.04
CA ILE A 109 9.98 -18.21 -8.34
C ILE A 109 10.68 -17.53 -9.53
N PRO A 110 9.96 -16.66 -10.27
CA PRO A 110 10.59 -16.04 -11.43
C PRO A 110 11.67 -15.03 -11.07
N ALA A 111 11.55 -14.46 -9.89
CA ALA A 111 12.44 -13.40 -9.43
C ALA A 111 12.13 -13.11 -7.97
N VAL A 112 12.95 -12.29 -7.34
CA VAL A 112 12.70 -11.87 -5.96
C VAL A 112 11.24 -11.40 -5.86
N LEU A 113 10.56 -11.81 -4.79
CA LEU A 113 9.14 -11.50 -4.67
C LEU A 113 8.95 -9.98 -4.67
N GLY A 114 7.92 -9.53 -5.38
CA GLY A 114 7.62 -8.09 -5.48
C GLY A 114 8.21 -7.42 -6.71
N SER A 115 9.13 -8.10 -7.40
CA SER A 115 9.76 -7.50 -8.59
C SER A 115 8.71 -7.04 -9.58
N PRO A 116 8.96 -5.94 -10.30
CA PRO A 116 8.04 -5.57 -11.37
C PRO A 116 7.88 -6.70 -12.38
N ASP A 117 6.68 -6.80 -12.96
CA ASP A 117 6.35 -7.85 -13.92
C ASP A 117 6.00 -7.27 -15.29
N PHE A 118 6.49 -6.07 -15.57
CA PHE A 118 6.29 -5.41 -16.86
C PHE A 118 7.56 -4.77 -17.37
N GLN A 119 7.60 -4.58 -18.69
CA GLN A 119 8.69 -3.86 -19.34
C GLN A 119 8.37 -2.39 -19.23
N GLY A 120 9.28 -1.65 -18.59
CA GLY A 120 9.10 -0.23 -18.40
C GLY A 120 10.17 0.36 -17.50
N VAL A 121 10.01 1.64 -17.19
CA VAL A 121 10.91 2.31 -16.28
C VAL A 121 10.08 2.68 -15.06
N VAL A 122 10.47 2.16 -13.90
CA VAL A 122 9.80 2.52 -12.66
C VAL A 122 10.51 3.73 -12.06
N PHE A 123 9.73 4.78 -11.84
CA PHE A 123 10.21 6.00 -11.20
C PHE A 123 9.83 5.94 -9.76
N GLY A 124 10.76 6.35 -8.91
CA GLY A 124 10.52 6.34 -7.49
C GLY A 124 11.62 7.01 -6.70
N ILE A 125 11.76 6.60 -5.45
CA ILE A 125 12.79 7.12 -4.56
C ILE A 125 13.72 5.98 -4.11
N LEU A 126 15.01 6.22 -4.23
CA LEU A 126 16.01 5.33 -3.68
C LEU A 126 16.46 5.99 -2.38
N SER A 127 16.20 5.33 -1.26
CA SER A 127 16.59 5.82 0.05
C SER A 127 17.65 4.93 0.67
N GLN A 128 18.39 5.49 1.61
CA GLN A 128 19.40 4.73 2.37
C GLN A 128 19.35 5.09 3.84
N ARG A 129 19.64 4.09 4.66
CA ARG A 129 19.98 4.29 6.06
C ARG A 129 21.24 3.48 6.30
N ASN A 130 22.37 4.18 6.46
CA ASN A 130 23.65 3.53 6.62
C ASN A 130 23.74 2.74 7.91
N THR A 131 24.76 1.90 8.00
CA THR A 131 25.00 1.17 9.23
C THR A 131 25.14 2.13 10.41
N ASP A 132 25.71 3.32 10.20
CA ASP A 132 25.82 4.31 11.26
C ASP A 132 24.55 5.15 11.51
N GLY A 133 23.48 4.91 10.76
CA GLY A 133 22.23 5.64 10.94
C GLY A 133 22.04 6.86 10.06
N GLN A 134 23.09 7.34 9.38
CA GLN A 134 22.95 8.47 8.44
C GLN A 134 22.05 8.10 7.27
N THR A 135 21.12 8.99 6.94
CA THR A 135 20.16 8.70 5.88
C THR A 135 20.27 9.66 4.69
N ARG A 136 19.83 9.20 3.53
CA ARG A 136 19.61 10.08 2.39
C ARG A 136 18.58 9.42 1.48
N ALA A 137 17.98 10.21 0.61
CA ALA A 137 17.00 9.68 -0.35
C ALA A 137 16.84 10.65 -1.50
N HIS A 138 16.82 10.10 -2.71
CA HIS A 138 16.65 10.90 -3.92
C HIS A 138 15.90 10.11 -4.98
N GLU A 139 15.43 10.84 -5.99
CA GLU A 139 14.79 10.27 -7.17
C GLU A 139 15.68 9.21 -7.79
N ALA A 140 15.03 8.17 -8.32
CA ALA A 140 15.74 7.13 -9.05
C ALA A 140 14.78 6.43 -10.01
N LYS A 141 15.35 5.82 -11.06
CA LYS A 141 14.61 5.03 -12.01
C LYS A 141 15.18 3.62 -12.07
N VAL A 142 14.31 2.63 -12.22
CA VAL A 142 14.74 1.27 -12.47
C VAL A 142 14.13 0.84 -13.79
N ASP A 143 14.98 0.68 -14.80
CA ASP A 143 14.54 0.28 -16.12
C ASP A 143 14.54 -1.23 -16.18
N THR A 144 13.34 -1.82 -16.28
CA THR A 144 13.21 -3.28 -16.24
C THR A 144 13.59 -3.94 -17.55
N ARG A 145 13.91 -3.15 -18.57
CA ARG A 145 14.28 -3.67 -19.88
C ARG A 145 15.80 -3.80 -20.03
N LEU A 146 16.56 -3.25 -19.08
CA LEU A 146 18.02 -3.28 -19.19
C LEU A 146 18.56 -4.69 -19.18
N ALA A 147 19.67 -4.88 -19.85
CA ALA A 147 20.34 -6.17 -19.85
C ALA A 147 20.70 -6.64 -18.44
N ARG A 148 21.03 -5.70 -17.56
CA ARG A 148 21.40 -6.00 -16.17
C ARG A 148 20.23 -5.93 -15.18
N PHE A 149 19.02 -5.80 -15.69
CA PHE A 149 17.85 -6.03 -14.86
C PHE A 149 17.73 -7.54 -14.71
N ALA A 150 18.17 -8.05 -13.57
CA ALA A 150 18.26 -9.51 -13.38
C ALA A 150 17.87 -9.90 -11.97
N PRO A 151 16.63 -9.54 -11.56
CA PRO A 151 16.19 -9.84 -10.19
C PRO A 151 16.10 -11.33 -9.85
N LYS A 152 16.08 -12.21 -10.86
CA LYS A 152 16.18 -13.65 -10.59
C LYS A 152 17.55 -13.98 -10.06
N LEU A 153 18.57 -13.38 -10.66
CA LEU A 153 19.94 -13.57 -10.19
C LEU A 153 20.18 -12.79 -8.91
N GLY A 154 19.44 -11.70 -8.72
CA GLY A 154 19.57 -10.87 -7.52
C GLY A 154 20.28 -9.55 -7.72
N PHE A 155 20.27 -9.05 -8.96
CA PHE A 155 20.86 -7.74 -9.27
C PHE A 155 19.97 -6.93 -10.18
N VAL A 156 19.79 -5.66 -9.86
CA VAL A 156 19.16 -4.71 -10.77
C VAL A 156 20.01 -3.45 -10.82
N VAL A 157 19.79 -2.66 -11.86
CA VAL A 157 20.48 -1.38 -11.98
C VAL A 157 19.48 -0.23 -11.77
N ALA A 158 19.84 0.66 -10.86
CA ALA A 158 19.11 1.89 -10.65
C ALA A 158 19.84 3.01 -11.39
N THR A 159 19.08 3.89 -12.01
CA THR A 159 19.64 5.05 -12.68
C THR A 159 19.28 6.27 -11.85
N VAL A 160 20.26 7.13 -11.58
CA VAL A 160 20.04 8.31 -10.77
C VAL A 160 20.71 9.55 -11.40
N GLU A 161 20.24 10.71 -10.95
CA GLU A 161 20.84 11.99 -11.31
C GLU A 161 21.73 12.48 -10.16
N ASN A 162 21.32 12.21 -8.93
CA ASN A 162 22.00 12.77 -7.76
C ASN A 162 23.28 12.00 -7.43
N THR A 163 24.35 12.73 -7.14
CA THR A 163 25.62 12.14 -6.77
C THR A 163 25.66 11.75 -5.30
N ASP A 164 24.68 12.18 -4.52
CA ASP A 164 24.67 11.94 -3.08
C ASP A 164 24.09 10.55 -2.73
N PHE A 165 24.84 9.50 -3.09
CA PHE A 165 24.54 8.14 -2.64
C PHE A 165 25.80 7.47 -2.13
N HIS A 166 25.64 6.56 -1.18
CA HIS A 166 26.77 5.85 -0.57
C HIS A 166 26.80 4.38 -1.00
N ALA A 167 27.95 3.96 -1.55
CA ALA A 167 28.16 2.56 -1.92
C ALA A 167 28.34 1.71 -0.67
N ASN A 168 28.09 0.41 -0.81
CA ASN A 168 28.24 -0.55 0.28
C ASN A 168 27.43 -0.20 1.52
N GLN A 169 26.26 0.39 1.31
CA GLN A 169 25.32 0.71 2.37
C GLN A 169 23.96 0.24 1.93
N PRO A 170 23.06 -0.02 2.89
CA PRO A 170 21.74 -0.50 2.54
C PRO A 170 20.96 0.51 1.69
N CYS A 171 20.00 0.02 0.92
CA CYS A 171 19.11 0.90 0.19
C CYS A 171 17.74 0.26 0.03
N ARG A 172 16.76 1.12 -0.24
CA ARG A 172 15.42 0.69 -0.55
C ARG A 172 14.93 1.53 -1.70
N PHE A 173 14.33 0.87 -2.69
CA PHE A 173 13.65 1.57 -3.78
C PHE A 173 12.14 1.51 -3.56
N THR A 174 11.53 2.68 -3.37
CA THR A 174 10.10 2.81 -3.24
C THR A 174 9.53 3.31 -4.58
N PRO A 175 8.71 2.48 -5.25
CA PRO A 175 8.13 2.88 -6.53
C PRO A 175 7.04 3.93 -6.37
N VAL A 176 6.97 4.87 -7.31
CA VAL A 176 5.90 5.86 -7.33
C VAL A 176 5.09 5.81 -8.64
N GLY A 177 5.76 5.60 -9.75
CA GLY A 177 5.12 5.56 -11.06
C GLY A 177 6.07 5.18 -12.17
N LEU A 178 5.82 5.73 -13.35
CA LEU A 178 6.62 5.44 -14.54
C LEU A 178 7.60 6.56 -14.81
N GLY A 179 8.73 6.19 -15.39
CA GLY A 179 9.85 7.08 -15.58
C GLY A 179 10.36 7.09 -16.99
N GLY A 180 9.56 6.59 -17.94
CA GLY A 180 9.94 6.62 -19.35
C GLY A 180 9.62 7.96 -19.94
N ASP A 181 9.76 8.06 -21.26
CA ASP A 181 9.53 9.30 -21.99
C ASP A 181 8.24 9.27 -22.82
N ASN A 182 7.66 8.09 -23.03
CA ASN A 182 6.48 7.96 -23.87
C ASN A 182 5.80 6.61 -23.67
N ASN A 183 4.65 6.41 -24.31
CA ASN A 183 3.89 5.18 -24.10
C ASN A 183 4.64 3.93 -24.56
N ARG A 184 5.52 4.06 -25.55
CA ARG A 184 6.26 2.91 -26.06
C ARG A 184 7.29 2.40 -25.03
N ASP A 185 7.68 3.23 -24.09
CA ASP A 185 8.56 2.82 -23.00
C ASP A 185 7.87 1.94 -21.93
N PHE A 186 6.56 1.71 -22.08
CA PHE A 186 5.83 0.99 -21.07
C PHE A 186 4.98 -0.07 -21.75
N ASN A 187 5.25 -1.34 -21.48
CA ASN A 187 4.52 -2.44 -22.12
C ASN A 187 4.01 -3.37 -21.03
N GLN A 188 2.81 -3.09 -20.52
CA GLN A 188 2.37 -3.70 -19.27
C GLN A 188 2.22 -5.21 -19.35
N TRP A 189 1.97 -5.74 -20.55
CA TRP A 189 1.84 -7.18 -20.71
C TRP A 189 3.10 -7.87 -21.25
N GLY A 190 4.18 -7.11 -21.44
CA GLY A 190 5.48 -7.72 -21.77
C GLY A 190 6.28 -7.99 -20.50
N LEU A 191 6.60 -9.25 -20.26
CA LEU A 191 7.40 -9.61 -19.08
C LEU A 191 8.84 -9.17 -19.26
N PRO A 192 9.49 -8.72 -18.17
CA PRO A 192 10.91 -8.51 -18.30
C PRO A 192 11.62 -9.84 -18.43
N ALA A 193 12.88 -9.78 -18.85
CA ALA A 193 13.75 -10.94 -18.77
C ALA A 193 14.33 -10.94 -17.37
N TYR A 194 13.70 -11.70 -16.47
CA TYR A 194 14.07 -11.68 -15.05
C TYR A 194 15.52 -12.10 -14.76
N GLY A 195 16.12 -12.91 -15.65
CA GLY A 195 17.49 -13.40 -15.44
C GLY A 195 18.54 -12.54 -16.13
N GLY A 196 18.10 -11.45 -16.75
CA GLY A 196 18.97 -10.59 -17.57
C GLY A 196 18.77 -10.87 -19.05
N ALA A 197 19.39 -10.02 -19.88
CA ALA A 197 19.29 -10.16 -21.33
C ALA A 197 19.62 -11.58 -21.79
N LEU A 198 18.87 -12.05 -22.77
CA LEU A 198 19.13 -13.34 -23.43
C LEU A 198 19.02 -14.55 -22.48
N THR A 199 18.20 -14.44 -21.44
CA THR A 199 17.94 -15.58 -20.54
C THR A 199 16.45 -15.92 -20.55
N ASN A 200 16.11 -17.15 -20.18
CA ASN A 200 14.71 -17.60 -20.21
C ASN A 200 14.07 -17.47 -18.85
N ASN A 201 12.87 -16.90 -18.80
CA ASN A 201 12.14 -16.79 -17.55
C ASN A 201 11.73 -18.15 -17.02
N THR A 202 11.67 -18.27 -15.71
CA THR A 202 11.34 -19.52 -15.06
C THR A 202 10.21 -19.34 -14.06
N ASN A 203 9.60 -20.46 -13.68
CA ASN A 203 8.65 -20.52 -12.57
C ASN A 203 7.45 -19.57 -12.73
N LEU A 204 7.03 -19.33 -13.98
CA LEU A 204 6.02 -18.31 -14.27
C LEU A 204 4.64 -18.79 -13.89
N ALA A 205 3.84 -17.89 -13.33
CA ALA A 205 2.41 -18.12 -13.29
C ALA A 205 1.95 -18.20 -14.74
N PRO A 206 1.00 -19.09 -15.06
CA PRO A 206 0.69 -19.30 -16.47
C PRO A 206 -0.11 -18.15 -17.12
N PRO A 207 -0.15 -18.10 -18.47
CA PRO A 207 -0.97 -17.06 -19.11
C PRO A 207 -2.42 -17.31 -18.77
N VAL A 208 -3.24 -16.26 -18.88
CA VAL A 208 -4.69 -16.38 -18.64
C VAL A 208 -5.45 -15.92 -19.86
N MET A 209 -6.58 -16.57 -20.13
CA MET A 209 -7.43 -16.19 -21.24
C MET A 209 -8.84 -16.70 -21.02
N PRO A 210 -9.84 -16.04 -21.65
CA PRO A 210 -11.19 -16.58 -21.61
C PRO A 210 -11.25 -17.90 -22.36
N VAL A 211 -12.09 -18.83 -21.91
CA VAL A 211 -12.27 -20.10 -22.62
C VAL A 211 -13.58 -20.11 -23.42
N TYR A 212 -14.63 -19.48 -22.88
CA TYR A 212 -15.90 -19.38 -23.58
C TYR A 212 -15.78 -18.40 -24.76
N PRO A 213 -16.15 -18.85 -25.97
CA PRO A 213 -15.98 -17.98 -27.13
C PRO A 213 -16.72 -16.65 -26.98
N GLY A 214 -16.06 -15.55 -27.31
CA GLY A 214 -16.68 -14.24 -27.20
C GLY A 214 -16.42 -13.53 -25.89
N GLU A 215 -16.03 -14.26 -24.85
CA GLU A 215 -15.75 -13.60 -23.57
C GLU A 215 -14.42 -12.83 -23.59
N GLN A 216 -14.31 -11.84 -22.72
CA GLN A 216 -13.08 -11.07 -22.57
C GLN A 216 -12.71 -11.01 -21.09
N LEU A 217 -11.41 -10.83 -20.84
CA LEU A 217 -10.91 -10.62 -19.50
C LEU A 217 -11.45 -9.29 -19.00
N LEU A 218 -11.69 -9.23 -17.69
CA LEU A 218 -12.07 -8.00 -17.00
C LEU A 218 -10.98 -7.73 -15.95
N PHE A 219 -10.40 -6.54 -16.02
CA PHE A 219 -9.28 -6.17 -15.18
C PHE A 219 -9.65 -5.11 -14.17
N PHE A 220 -8.93 -5.09 -13.04
CA PHE A 220 -9.00 -3.98 -12.10
C PHE A 220 -7.89 -3.02 -12.52
N ARG A 221 -8.25 -1.78 -12.87
CA ARG A 221 -7.32 -0.88 -13.54
C ARG A 221 -6.93 0.31 -12.68
N SER A 222 -5.64 0.64 -12.70
CA SER A 222 -5.09 1.82 -12.04
C SER A 222 -4.46 2.71 -13.09
N GLN A 223 -4.22 3.95 -12.71
CA GLN A 223 -3.44 4.86 -13.55
C GLN A 223 -2.24 5.37 -12.77
N LEU A 224 -1.04 5.07 -13.25
CA LEU A 224 0.17 5.42 -12.54
C LEU A 224 0.62 6.84 -12.82
N PRO A 225 1.26 7.48 -11.83
CA PRO A 225 1.98 8.72 -12.11
C PRO A 225 3.13 8.51 -13.13
N SER A 226 3.61 9.61 -13.69
CA SER A 226 4.63 9.55 -14.72
C SER A 226 5.52 10.76 -14.61
N SER A 227 6.81 10.55 -14.84
CA SER A 227 7.79 11.62 -14.70
C SER A 227 8.04 12.35 -16.01
N GLY A 228 7.46 11.91 -17.11
CA GLY A 228 7.67 12.60 -18.37
C GLY A 228 6.81 12.05 -19.47
N GLY A 229 6.52 12.90 -20.45
CA GLY A 229 5.79 12.53 -21.65
C GLY A 229 4.28 12.53 -21.48
N VAL A 230 3.61 12.26 -22.58
CA VAL A 230 2.16 12.09 -22.60
C VAL A 230 1.93 10.60 -22.42
N VAL A 231 1.92 10.18 -21.15
CA VAL A 231 1.93 8.75 -20.81
C VAL A 231 0.64 8.38 -20.06
N GLY A 232 -0.11 7.44 -20.60
CA GLY A 232 -1.38 7.02 -19.99
C GLY A 232 -1.18 6.39 -18.61
N GLY A 233 -0.19 5.53 -18.51
CA GLY A 233 0.15 4.87 -17.27
C GLY A 233 -0.88 3.86 -16.77
N TRP A 234 -1.65 3.29 -17.67
CA TRP A 234 -2.71 2.37 -17.26
C TRP A 234 -2.13 1.00 -16.94
N LEU A 235 -2.50 0.47 -15.77
CA LEU A 235 -2.01 -0.81 -15.31
C LEU A 235 -3.17 -1.68 -14.83
N ASP A 236 -3.32 -2.83 -15.47
CA ASP A 236 -4.39 -3.78 -15.19
C ASP A 236 -3.92 -4.95 -14.34
N CYS A 237 -4.67 -5.30 -13.29
CA CYS A 237 -4.37 -6.49 -12.53
C CYS A 237 -5.54 -7.45 -12.59
N LEU A 238 -5.27 -8.72 -12.35
CA LEU A 238 -6.27 -9.76 -12.45
C LEU A 238 -7.15 -9.79 -11.24
N LEU A 239 -6.54 -9.53 -10.08
CA LEU A 239 -7.22 -9.47 -8.80
C LEU A 239 -6.58 -8.31 -8.03
N PRO A 240 -7.39 -7.53 -7.29
CA PRO A 240 -6.80 -6.48 -6.46
C PRO A 240 -6.02 -7.11 -5.31
N GLN A 241 -5.12 -6.35 -4.70
CA GLN A 241 -4.26 -6.89 -3.65
C GLN A 241 -5.04 -7.47 -2.48
N GLU A 242 -6.20 -6.89 -2.17
CA GLU A 242 -7.02 -7.38 -1.06
C GLU A 242 -7.68 -8.74 -1.33
N TRP A 243 -8.01 -9.00 -2.61
CA TRP A 243 -8.54 -10.31 -2.97
C TRP A 243 -7.46 -11.38 -2.88
N VAL A 244 -6.23 -11.01 -3.26
CA VAL A 244 -5.09 -11.90 -3.10
C VAL A 244 -4.92 -12.26 -1.61
N GLN A 245 -4.97 -11.25 -0.74
CA GLN A 245 -4.80 -11.49 0.69
C GLN A 245 -5.93 -12.36 1.24
N HIS A 246 -7.16 -12.06 0.82
CA HIS A 246 -8.35 -12.78 1.25
C HIS A 246 -8.29 -14.26 0.85
N PHE A 247 -7.99 -14.54 -0.42
CA PHE A 247 -7.95 -15.94 -0.88
C PHE A 247 -6.84 -16.71 -0.18
N PHE A 248 -5.68 -16.08 -0.03
CA PHE A 248 -4.59 -16.69 0.71
C PHE A 248 -5.00 -17.10 2.13
N GLN A 249 -5.65 -16.20 2.87
CA GLN A 249 -6.06 -16.48 4.23
C GLN A 249 -7.18 -17.51 4.30
N GLU A 250 -8.17 -17.36 3.42
CA GLU A 250 -9.37 -18.22 3.48
C GLU A 250 -9.09 -19.63 2.95
N SER A 251 -8.36 -19.71 1.85
CA SER A 251 -8.05 -20.97 1.19
C SER A 251 -9.27 -21.88 1.10
N ALA A 252 -10.38 -21.30 0.64
CA ALA A 252 -11.64 -22.02 0.56
C ALA A 252 -11.58 -23.00 -0.60
N THR A 253 -12.14 -24.20 -0.44
CA THR A 253 -12.14 -25.21 -1.50
C THR A 253 -13.04 -24.75 -2.65
N SER A 254 -12.50 -24.79 -3.86
CA SER A 254 -13.24 -24.41 -5.06
C SER A 254 -14.14 -25.57 -5.49
N GLN A 255 -15.45 -25.40 -5.43
CA GLN A 255 -16.40 -26.47 -5.79
C GLN A 255 -16.51 -26.73 -7.29
N SER A 256 -16.15 -25.73 -8.10
CA SER A 256 -16.01 -25.90 -9.54
C SER A 256 -14.89 -24.97 -10.00
N ASP A 257 -14.63 -24.96 -11.30
CA ASP A 257 -13.58 -24.12 -11.87
C ASP A 257 -14.05 -22.68 -12.12
N VAL A 258 -15.33 -22.42 -11.89
CA VAL A 258 -15.89 -21.11 -12.21
C VAL A 258 -16.88 -20.64 -11.14
N ALA A 259 -16.54 -19.53 -10.50
CA ALA A 259 -17.43 -18.89 -9.55
C ALA A 259 -18.15 -17.76 -10.25
N LEU A 260 -19.47 -17.81 -10.27
CA LEU A 260 -20.28 -16.73 -10.82
C LEU A 260 -20.35 -15.60 -9.80
N VAL A 261 -20.01 -14.40 -10.24
CA VAL A 261 -20.05 -13.22 -9.39
C VAL A 261 -20.85 -12.13 -10.06
N ARG A 262 -21.39 -11.24 -9.24
CA ARG A 262 -22.21 -10.16 -9.75
C ARG A 262 -21.81 -8.85 -9.13
N TYR A 263 -21.77 -7.83 -9.95
CA TYR A 263 -21.41 -6.50 -9.49
C TYR A 263 -22.68 -5.74 -9.15
N ILE A 264 -22.75 -5.23 -7.92
CA ILE A 264 -23.96 -4.66 -7.35
C ILE A 264 -23.90 -3.13 -7.22
N ASN A 265 -25.00 -2.49 -7.59
CA ASN A 265 -25.22 -1.06 -7.39
C ASN A 265 -25.55 -0.84 -5.92
N PRO A 266 -24.75 -0.03 -5.22
CA PRO A 266 -24.91 0.08 -3.77
C PRO A 266 -26.18 0.86 -3.38
N THR A 267 -26.64 1.76 -4.25
CA THR A 267 -27.84 2.57 -4.00
C THR A 267 -29.10 1.72 -4.08
N THR A 268 -29.25 1.00 -5.20
CA THR A 268 -30.45 0.23 -5.48
C THR A 268 -30.38 -1.23 -5.00
N GLY A 269 -29.16 -1.78 -4.90
CA GLY A 269 -28.99 -3.21 -4.65
C GLY A 269 -29.18 -4.05 -5.90
N ARG A 270 -29.36 -3.38 -7.04
CA ARG A 270 -29.58 -4.02 -8.32
C ARG A 270 -28.27 -4.62 -8.88
N VAL A 271 -28.36 -5.78 -9.52
CA VAL A 271 -27.23 -6.35 -10.24
C VAL A 271 -26.95 -5.48 -11.47
N LEU A 272 -25.71 -5.03 -11.61
CA LEU A 272 -25.31 -4.26 -12.78
C LEU A 272 -24.76 -5.15 -13.89
N PHE A 273 -23.89 -6.10 -13.54
CA PHE A 273 -23.44 -7.10 -14.51
C PHE A 273 -22.98 -8.39 -13.82
N GLU A 274 -22.85 -9.44 -14.63
CA GLU A 274 -22.33 -10.73 -14.20
C GLU A 274 -20.92 -10.94 -14.72
N ALA A 275 -20.13 -11.71 -13.99
CA ALA A 275 -18.82 -12.13 -14.45
C ALA A 275 -18.48 -13.50 -13.92
N LYS A 276 -17.55 -14.18 -14.59
CA LYS A 276 -17.00 -15.43 -14.10
C LYS A 276 -15.69 -15.13 -13.41
N LEU A 277 -15.54 -15.63 -12.19
CA LEU A 277 -14.26 -15.65 -11.50
C LEU A 277 -13.68 -17.05 -11.63
N HIS A 278 -12.67 -17.18 -12.46
CA HIS A 278 -12.08 -18.47 -12.74
C HIS A 278 -11.14 -18.89 -11.61
N LYS A 279 -11.10 -20.19 -11.34
CA LYS A 279 -10.28 -20.74 -10.26
C LYS A 279 -8.81 -20.30 -10.32
N GLN A 280 -8.26 -20.17 -11.52
CA GLN A 280 -6.87 -19.74 -11.67
C GLN A 280 -6.62 -18.30 -11.16
N GLY A 281 -7.67 -17.50 -11.04
CA GLY A 281 -7.60 -16.19 -10.38
C GLY A 281 -7.71 -15.02 -11.33
N PHE A 282 -8.81 -14.96 -12.06
CA PHE A 282 -9.08 -13.86 -12.99
C PHE A 282 -10.55 -13.88 -13.38
N LEU A 283 -11.03 -12.74 -13.88
CA LEU A 283 -12.42 -12.56 -14.26
C LEU A 283 -12.60 -12.54 -15.79
N THR A 284 -13.72 -13.05 -16.26
CA THR A 284 -14.15 -12.81 -17.64
C THR A 284 -15.57 -12.30 -17.69
N VAL A 285 -15.90 -11.61 -18.79
CA VAL A 285 -17.22 -11.04 -18.99
C VAL A 285 -17.65 -11.30 -20.42
N ALA A 286 -18.96 -11.24 -20.67
CA ALA A 286 -19.50 -11.29 -22.02
C ALA A 286 -19.55 -9.85 -22.54
N ALA A 287 -18.46 -9.43 -23.17
CA ALA A 287 -18.31 -8.08 -23.69
C ALA A 287 -17.45 -8.13 -24.94
N SER A 288 -17.51 -7.07 -25.74
CA SER A 288 -16.69 -6.99 -26.95
C SER A 288 -16.13 -5.58 -27.10
N GLY A 289 -14.80 -5.49 -27.19
CA GLY A 289 -14.13 -4.23 -27.38
C GLY A 289 -13.32 -3.79 -26.17
N SER A 290 -12.69 -2.62 -26.30
CA SER A 290 -11.74 -2.10 -25.34
C SER A 290 -12.30 -0.85 -24.66
N TYR A 291 -12.69 -0.97 -23.40
CA TYR A 291 -13.30 0.18 -22.72
C TYR A 291 -13.35 0.02 -21.23
N PRO A 292 -13.39 1.16 -20.51
CA PRO A 292 -13.64 1.12 -19.09
C PRO A 292 -15.13 0.99 -18.84
N LEU A 293 -15.51 0.25 -17.81
CA LEU A 293 -16.93 0.07 -17.49
C LEU A 293 -17.46 1.36 -16.88
N VAL A 294 -18.72 1.67 -17.16
CA VAL A 294 -19.40 2.80 -16.53
C VAL A 294 -20.27 2.27 -15.41
N VAL A 295 -19.71 2.23 -14.22
CA VAL A 295 -20.40 1.69 -13.06
C VAL A 295 -20.01 2.52 -11.85
N PRO A 296 -20.83 2.54 -10.82
CA PRO A 296 -20.46 3.31 -9.62
C PRO A 296 -19.18 2.74 -8.98
N ALA A 297 -18.25 3.63 -8.65
CA ALA A 297 -17.00 3.22 -8.06
C ALA A 297 -17.20 2.70 -6.64
N ASP A 298 -18.36 2.98 -6.03
CA ASP A 298 -18.70 2.42 -4.73
C ASP A 298 -19.56 1.17 -4.84
N GLY A 299 -19.67 0.60 -6.04
CA GLY A 299 -20.25 -0.74 -6.22
C GLY A 299 -19.29 -1.82 -5.75
N TYR A 300 -19.73 -3.07 -5.78
CA TYR A 300 -18.94 -4.19 -5.29
C TYR A 300 -19.39 -5.51 -5.87
N PHE A 301 -18.48 -6.48 -5.89
CA PHE A 301 -18.75 -7.82 -6.36
C PHE A 301 -19.32 -8.70 -5.23
N ARG A 302 -20.29 -9.54 -5.59
CA ARG A 302 -20.91 -10.50 -4.70
C ARG A 302 -20.77 -11.88 -5.33
N PHE A 303 -20.27 -12.86 -4.58
CA PHE A 303 -20.23 -14.25 -5.04
C PHE A 303 -21.64 -14.83 -5.07
N GLU A 304 -22.02 -15.44 -6.20
CA GLU A 304 -23.38 -15.97 -6.38
C GLU A 304 -23.43 -17.47 -6.23
N SER A 305 -22.67 -18.17 -7.05
CA SER A 305 -22.74 -19.63 -7.05
C SER A 305 -21.61 -20.20 -7.87
N TRP A 306 -21.44 -21.51 -7.76
CA TRP A 306 -20.50 -22.24 -8.58
C TRP A 306 -21.22 -22.69 -9.85
N VAL A 307 -20.59 -22.48 -11.00
CA VAL A 307 -21.16 -22.87 -12.29
C VAL A 307 -20.10 -23.67 -13.07
N ASN A 308 -20.37 -23.98 -14.34
CA ASN A 308 -19.35 -24.63 -15.18
C ASN A 308 -18.96 -23.73 -16.35
N GLN A 309 -18.05 -24.21 -17.20
CA GLN A 309 -17.49 -23.40 -18.28
C GLN A 309 -18.51 -23.13 -19.40
N PHE A 310 -19.60 -23.90 -19.44
CA PHE A 310 -20.70 -23.66 -20.39
C PHE A 310 -21.67 -22.56 -19.96
N TYR A 311 -21.57 -22.04 -18.74
CA TYR A 311 -22.48 -20.97 -18.31
C TYR A 311 -22.39 -19.75 -19.22
N THR A 312 -23.55 -19.27 -19.66
CA THR A 312 -23.60 -18.12 -20.57
C THR A 312 -23.88 -16.88 -19.72
N LEU A 313 -22.95 -15.94 -19.75
CA LEU A 313 -23.11 -14.69 -19.01
C LEU A 313 -24.02 -13.75 -19.74
N ALA A 314 -24.84 -13.02 -19.01
CA ALA A 314 -25.60 -11.94 -19.61
C ALA A 314 -24.63 -10.89 -20.20
N PRO A 315 -24.93 -10.37 -21.40
CA PRO A 315 -24.08 -9.35 -22.00
C PRO A 315 -23.80 -8.21 -21.03
N MET A 316 -22.55 -7.78 -20.93
CA MET A 316 -22.19 -6.71 -19.99
C MET A 316 -22.74 -5.36 -20.39
N GLY A 317 -22.73 -5.06 -21.68
CA GLY A 317 -23.00 -3.69 -22.15
C GLY A 317 -21.90 -2.75 -21.66
N ASN A 318 -22.29 -1.54 -21.28
CA ASN A 318 -21.34 -0.53 -20.74
C ASN A 318 -21.04 -0.77 -19.26
N GLY A 319 -21.85 -1.62 -18.61
CA GLY A 319 -21.68 -1.95 -17.21
C GLY A 319 -23.00 -1.79 -16.50
N THR B 3 -24.25 -12.66 17.07
CA THR B 3 -24.85 -12.93 15.71
C THR B 3 -23.79 -12.97 14.60
N LYS B 4 -22.72 -12.20 14.72
CA LYS B 4 -21.61 -12.25 13.75
C LYS B 4 -20.31 -12.55 14.49
N PRO B 5 -19.71 -13.74 14.26
CA PRO B 5 -18.53 -14.11 15.06
C PRO B 5 -17.29 -13.30 14.73
N PHE B 6 -16.55 -12.93 15.77
CA PHE B 6 -15.32 -12.15 15.63
C PHE B 6 -14.13 -12.99 15.15
N SER B 7 -13.26 -12.35 14.39
CA SER B 7 -12.05 -12.99 13.90
C SER B 7 -10.98 -11.94 13.59
N LEU B 8 -9.74 -12.41 13.54
CA LEU B 8 -8.62 -11.61 13.10
C LEU B 8 -8.17 -12.13 11.75
N PRO B 9 -7.55 -11.25 10.92
CA PRO B 9 -6.82 -11.81 9.80
C PRO B 9 -5.72 -12.76 10.30
N SER B 10 -5.41 -13.76 9.50
CA SER B 10 -4.34 -14.70 9.84
C SER B 10 -3.00 -14.32 9.23
N LEU B 11 -2.91 -13.12 8.68
CA LEU B 11 -1.64 -12.63 8.15
C LEU B 11 -0.63 -12.51 9.28
N THR B 12 0.60 -12.93 8.99
CA THR B 12 1.69 -12.86 9.95
C THR B 12 2.19 -11.43 10.08
N LEU B 13 3.02 -11.19 11.09
CA LEU B 13 3.51 -9.85 11.35
C LEU B 13 4.18 -9.27 10.10
N ASP B 14 4.99 -10.08 9.42
CA ASP B 14 5.71 -9.63 8.22
C ASP B 14 4.87 -9.71 6.93
N GLU B 15 3.58 -9.94 7.06
CA GLU B 15 2.64 -9.84 5.95
C GLU B 15 1.71 -8.62 6.11
N LEU B 16 1.91 -7.86 7.19
CA LEU B 16 1.04 -6.71 7.51
C LEU B 16 1.70 -5.39 7.14
N SER B 17 0.89 -4.35 7.01
CA SER B 17 1.43 -3.03 6.72
C SER B 17 0.84 -1.99 7.67
N ASN B 18 1.54 -0.86 7.79
CA ASN B 18 1.16 0.18 8.73
C ASN B 18 -0.07 0.89 8.22
N SER B 19 -0.95 1.27 9.13
CA SER B 19 -2.16 2.04 8.81
C SER B 19 -1.95 3.56 8.86
N ARG B 20 -0.78 4.01 9.30
CA ARG B 20 -0.51 5.45 9.39
C ARG B 20 0.50 5.92 8.31
N PHE B 21 0.98 5.00 7.50
CA PHE B 21 1.92 5.31 6.41
C PHE B 21 2.06 4.01 5.60
N PRO B 22 2.25 4.12 4.27
CA PRO B 22 2.46 2.91 3.51
C PRO B 22 3.87 2.33 3.75
N ALA B 23 3.99 1.48 4.76
CA ALA B 23 5.25 0.84 5.11
C ALA B 23 4.96 -0.52 5.73
N PRO B 24 5.87 -1.51 5.52
CA PRO B 24 5.68 -2.79 6.19
C PRO B 24 5.83 -2.69 7.70
N ILE B 25 5.12 -3.56 8.42
CA ILE B 25 5.32 -3.72 9.85
C ILE B 25 6.61 -4.52 10.04
N VAL B 26 7.54 -4.00 10.83
CA VAL B 26 8.78 -4.70 11.10
C VAL B 26 8.90 -5.19 12.54
N GLN B 27 8.16 -4.61 13.47
CA GLN B 27 8.25 -4.97 14.90
C GLN B 27 6.94 -4.77 15.60
N LEU B 28 6.81 -5.42 16.75
CA LEU B 28 5.85 -5.02 17.78
C LEU B 28 6.64 -4.24 18.83
N TYR B 29 6.06 -3.16 19.33
CA TYR B 29 6.75 -2.25 20.21
C TYR B 29 5.84 -1.82 21.35
N THR B 30 6.40 -1.76 22.56
CA THR B 30 5.65 -1.27 23.72
C THR B 30 6.43 -0.18 24.44
N ASN B 31 5.70 0.73 25.07
CA ASN B 31 6.28 1.77 25.90
C ASN B 31 5.25 2.29 26.88
N PRO B 32 5.70 2.92 28.00
CA PRO B 32 4.76 3.55 28.93
C PRO B 32 4.05 4.72 28.27
N HIS B 33 2.83 5.03 28.70
CA HIS B 33 2.10 6.13 28.06
C HIS B 33 2.20 7.41 28.89
N ASP B 34 3.21 7.46 29.76
CA ASP B 34 3.43 8.59 30.66
C ASP B 34 3.85 9.80 29.84
N ASN B 35 3.17 10.92 30.04
CA ASN B 35 3.44 12.17 29.29
C ASN B 35 3.26 12.05 27.78
N LEU B 36 2.41 11.14 27.35
CA LEU B 36 2.02 11.04 25.94
C LEU B 36 0.52 11.15 25.87
N VAL B 37 0.03 11.88 24.90
CA VAL B 37 -1.34 11.68 24.49
C VAL B 37 -1.23 10.88 23.20
N VAL B 38 -1.75 9.66 23.22
CA VAL B 38 -1.71 8.80 22.05
C VAL B 38 -3.04 8.91 21.35
N GLN B 39 -3.07 9.69 20.27
CA GLN B 39 -4.30 10.00 19.60
C GLN B 39 -4.12 10.06 18.08
N PRO B 40 -3.59 8.98 17.48
CA PRO B 40 -3.49 8.98 16.04
C PRO B 40 -4.87 9.03 15.39
N GLN B 41 -4.93 9.56 14.18
CA GLN B 41 -6.16 9.70 13.44
C GLN B 41 -6.24 8.78 12.23
N ASN B 42 -5.11 8.31 11.74
CA ASN B 42 -5.12 7.21 10.76
C ASN B 42 -5.01 5.87 11.49
N GLY B 43 -5.52 4.81 10.87
CA GLY B 43 -5.53 3.49 11.50
C GLY B 43 -6.40 3.45 12.73
N ARG B 44 -7.51 4.17 12.69
CA ARG B 44 -8.52 4.14 13.74
C ARG B 44 -9.74 3.41 13.23
N CYS B 45 -9.96 2.22 13.80
CA CYS B 45 -11.14 1.41 13.54
C CYS B 45 -11.48 0.60 14.77
N THR B 46 -12.72 0.68 15.21
CA THR B 46 -13.17 -0.17 16.32
C THR B 46 -13.22 -1.63 15.82
N ILE B 47 -13.15 -2.60 16.72
CA ILE B 47 -13.11 -3.99 16.31
C ILE B 47 -14.44 -4.50 15.76
N ASP B 48 -15.49 -3.70 15.89
CA ASP B 48 -16.76 -3.98 15.22
C ASP B 48 -16.99 -3.12 13.97
N GLY B 49 -15.96 -2.43 13.50
CA GLY B 49 -15.95 -1.87 12.16
C GLY B 49 -16.27 -0.39 11.95
N LEU B 50 -16.13 0.44 12.98
CA LEU B 50 -16.37 1.88 12.85
C LEU B 50 -15.08 2.63 12.60
N LEU B 51 -14.92 3.19 11.41
CA LEU B 51 -13.75 4.01 11.12
C LEU B 51 -13.88 5.34 11.86
N GLN B 52 -12.74 5.90 12.26
CA GLN B 52 -12.71 7.18 12.93
C GLN B 52 -11.57 8.04 12.41
N GLY B 53 -11.56 9.30 12.84
CA GLY B 53 -10.53 10.26 12.45
C GLY B 53 -10.47 10.48 10.95
N THR B 54 -9.24 10.40 10.41
CA THR B 54 -9.00 10.56 8.97
C THR B 54 -8.83 9.19 8.27
N THR B 55 -9.20 8.11 8.96
CA THR B 55 -8.94 6.74 8.47
C THR B 55 -9.77 6.40 7.22
N GLN B 56 -9.09 5.94 6.18
CA GLN B 56 -9.77 5.42 5.00
C GLN B 56 -9.11 4.08 4.65
N LEU B 57 -9.65 3.38 3.66
CA LEU B 57 -9.37 1.96 3.47
C LEU B 57 -8.27 1.62 2.48
N VAL B 58 -7.90 2.59 1.63
CA VAL B 58 -6.90 2.34 0.61
C VAL B 58 -5.49 2.49 1.18
N SER B 59 -4.77 1.37 1.24
CA SER B 59 -3.45 1.29 1.85
C SER B 59 -2.45 2.27 1.25
N CYS B 60 -2.43 2.35 -0.07
CA CYS B 60 -1.47 3.21 -0.76
C CYS B 60 -1.87 4.69 -0.74
N ASN B 61 -3.01 5.02 -0.14
CA ASN B 61 -3.46 6.41 -0.06
C ASN B 61 -3.14 7.08 1.28
N VAL B 62 -2.63 6.31 2.25
CA VAL B 62 -2.36 6.89 3.55
C VAL B 62 -1.15 7.85 3.44
N CYS B 63 -1.36 9.09 3.90
CA CYS B 63 -0.42 10.21 3.76
C CYS B 63 -0.23 10.74 2.33
N SER B 64 -1.09 10.32 1.39
CA SER B 64 -1.09 10.95 0.07
C SER B 64 -2.03 12.17 0.07
N PHE B 65 -1.77 13.08 -0.85
CA PHE B 65 -2.63 14.21 -1.12
C PHE B 65 -2.89 14.27 -2.62
N ARG B 66 -4.02 14.87 -2.97
CA ARG B 66 -4.43 15.00 -4.34
C ARG B 66 -5.16 16.33 -4.54
N GLY B 67 -4.92 16.99 -5.67
CA GLY B 67 -5.64 18.22 -5.96
C GLY B 67 -5.10 19.00 -7.14
N THR B 68 -5.13 20.31 -7.02
CA THR B 68 -4.65 21.23 -8.04
C THR B 68 -3.45 21.97 -7.49
N LEU B 69 -2.38 21.99 -8.27
CA LEU B 69 -1.14 22.65 -7.87
C LEU B 69 -1.20 24.14 -8.21
N GLY B 70 -0.73 24.99 -7.29
CA GLY B 70 -0.65 26.43 -7.55
C GLY B 70 0.73 26.89 -8.00
N ASP B 71 0.86 28.21 -8.20
CA ASP B 71 2.12 28.86 -8.54
C ASP B 71 3.20 28.68 -7.47
N GLY B 72 4.45 28.78 -7.89
CA GLY B 72 5.60 28.75 -6.99
C GLY B 72 5.95 30.10 -6.40
N GLN B 73 6.36 30.11 -5.15
CA GLN B 73 6.89 31.30 -4.48
C GLN B 73 8.13 30.89 -3.71
N PRO B 74 9.09 31.82 -3.54
CA PRO B 74 10.26 31.46 -2.74
C PRO B 74 9.92 31.19 -1.27
N ALA B 75 10.65 30.27 -0.66
CA ALA B 75 10.72 30.15 0.81
C ALA B 75 9.40 29.84 1.45
N MET B 85 19.03 24.76 2.13
CA MET B 85 17.99 25.47 1.40
C MET B 85 17.93 25.07 -0.09
N ALA B 86 17.93 23.75 -0.39
CA ALA B 86 17.67 23.27 -1.74
C ALA B 86 16.17 23.25 -1.99
N PHE B 87 15.37 22.79 -1.03
CA PHE B 87 13.91 22.76 -1.17
C PHE B 87 13.36 24.10 -0.71
N ASN B 88 13.38 25.06 -1.63
CA ASN B 88 13.18 26.46 -1.30
C ASN B 88 12.10 27.14 -2.14
N ILE B 89 11.27 26.33 -2.81
CA ILE B 89 10.14 26.84 -3.55
C ILE B 89 8.90 26.23 -2.90
N GLN B 90 7.91 27.07 -2.67
CA GLN B 90 6.65 26.62 -2.07
C GLN B 90 5.55 26.66 -3.11
N ARG B 91 4.79 25.56 -3.19
CA ARG B 91 3.58 25.51 -4.01
C ARG B 91 2.42 24.93 -3.21
N GLU B 92 1.28 25.61 -3.28
CA GLU B 92 0.09 25.15 -2.58
C GLU B 92 -0.62 24.07 -3.38
N ILE B 93 -1.13 23.07 -2.68
CA ILE B 93 -2.06 22.12 -3.27
C ILE B 93 -3.43 22.45 -2.71
N MET B 94 -4.37 22.77 -3.61
CA MET B 94 -5.78 22.88 -3.26
C MET B 94 -6.36 21.48 -3.38
N LEU B 95 -6.77 20.93 -2.25
CA LEU B 95 -7.05 19.50 -2.14
C LEU B 95 -8.40 19.09 -2.70
N GLU B 96 -8.43 17.87 -3.21
CA GLU B 96 -9.64 17.08 -3.48
C GLU B 96 -9.60 15.89 -2.54
N ASN B 97 -10.70 15.13 -2.49
CA ASN B 97 -10.66 13.81 -1.88
C ASN B 97 -9.73 12.93 -2.73
N LEU B 98 -9.25 11.85 -2.12
CA LEU B 98 -8.30 10.96 -2.79
C LEU B 98 -8.89 10.27 -4.04
N ASP B 99 -10.19 10.12 -4.09
CA ASP B 99 -10.83 9.61 -5.30
C ASP B 99 -11.09 10.68 -6.38
N GLY B 100 -10.68 11.93 -6.11
CA GLY B 100 -10.83 13.00 -7.08
C GLY B 100 -12.14 13.77 -6.98
N SER B 101 -13.06 13.33 -6.14
CA SER B 101 -14.31 14.05 -5.89
C SER B 101 -14.01 15.31 -5.06
N PRO B 102 -14.88 16.34 -5.14
CA PRO B 102 -14.64 17.58 -4.42
C PRO B 102 -14.54 17.38 -2.92
N TYR B 103 -13.56 18.02 -2.28
CA TYR B 103 -13.39 17.92 -0.84
C TYR B 103 -14.39 18.84 -0.14
N ASP B 104 -15.08 18.31 0.87
CA ASP B 104 -16.05 19.07 1.63
C ASP B 104 -15.46 19.41 2.99
N PRO B 105 -15.04 20.67 3.18
CA PRO B 105 -14.44 21.06 4.45
C PRO B 105 -15.39 21.00 5.65
N THR B 106 -16.69 20.76 5.43
CA THR B 106 -17.67 20.66 6.52
C THR B 106 -17.99 19.23 6.99
N ASP B 107 -17.40 18.21 6.36
CA ASP B 107 -17.58 16.83 6.81
C ASP B 107 -17.14 16.63 8.27
N ASP B 108 -17.70 15.63 8.94
CA ASP B 108 -17.40 15.39 10.35
C ASP B 108 -16.09 14.60 10.49
N ILE B 109 -14.99 15.20 10.04
CA ILE B 109 -13.67 14.58 10.05
C ILE B 109 -12.63 15.64 10.38
N PRO B 110 -11.46 15.22 10.92
CA PRO B 110 -10.46 16.22 11.30
C PRO B 110 -9.82 16.91 10.11
N ALA B 111 -9.80 16.23 8.97
CA ALA B 111 -9.14 16.70 7.76
C ALA B 111 -9.47 15.75 6.63
N VAL B 112 -9.08 16.11 5.41
CA VAL B 112 -9.29 15.25 4.24
C VAL B 112 -8.77 13.85 4.60
N LEU B 113 -9.53 12.82 4.24
CA LEU B 113 -9.18 11.47 4.64
C LEU B 113 -7.79 11.12 4.07
N GLY B 114 -6.98 10.45 4.87
CA GLY B 114 -5.62 10.09 4.47
C GLY B 114 -4.55 11.07 4.90
N SER B 115 -4.93 12.26 5.35
CA SER B 115 -3.96 13.28 5.74
C SER B 115 -3.00 12.70 6.77
N PRO B 116 -1.73 13.11 6.73
CA PRO B 116 -0.85 12.71 7.84
C PRO B 116 -1.41 13.14 9.21
N ASP B 117 -1.14 12.34 10.23
CA ASP B 117 -1.62 12.58 11.58
C ASP B 117 -0.47 12.80 12.57
N PHE B 118 0.68 13.22 12.06
CA PHE B 118 1.83 13.53 12.89
C PHE B 118 2.48 14.85 12.45
N GLN B 119 3.20 15.46 13.40
CA GLN B 119 4.05 16.61 13.12
C GLN B 119 5.36 16.10 12.53
N GLY B 120 5.67 16.55 11.31
CA GLY B 120 6.88 16.15 10.64
C GLY B 120 6.93 16.64 9.22
N VAL B 121 7.95 16.23 8.48
CA VAL B 121 8.09 16.56 7.08
C VAL B 121 7.97 15.25 6.31
N VAL B 122 6.95 15.15 5.45
CA VAL B 122 6.79 13.98 4.62
C VAL B 122 7.56 14.19 3.32
N PHE B 123 8.48 13.29 3.02
CA PHE B 123 9.25 13.32 1.79
C PHE B 123 8.63 12.35 0.82
N GLY B 124 8.52 12.77 -0.43
CA GLY B 124 7.90 11.95 -1.43
C GLY B 124 8.03 12.53 -2.82
N ILE B 125 7.09 12.15 -3.68
CA ILE B 125 7.06 12.62 -5.06
C ILE B 125 5.79 13.37 -5.33
N LEU B 126 5.92 14.56 -5.91
CA LEU B 126 4.79 15.31 -6.40
C LEU B 126 4.76 15.09 -7.89
N SER B 127 3.70 14.45 -8.38
CA SER B 127 3.54 14.17 -9.81
C SER B 127 2.36 14.95 -10.37
N GLN B 128 2.37 15.13 -11.70
CA GLN B 128 1.29 15.79 -12.40
C GLN B 128 0.97 15.07 -13.69
N ARG B 129 -0.32 15.07 -14.04
CA ARG B 129 -0.78 14.75 -15.38
C ARG B 129 -1.73 15.87 -15.77
N ASN B 130 -1.28 16.73 -16.66
CA ASN B 130 -2.05 17.88 -17.10
C ASN B 130 -3.33 17.50 -17.81
N THR B 131 -4.23 18.47 -17.98
CA THR B 131 -5.44 18.22 -18.75
C THR B 131 -5.12 17.72 -20.16
N ASP B 132 -4.01 18.19 -20.75
CA ASP B 132 -3.59 17.70 -22.06
C ASP B 132 -2.80 16.38 -22.04
N GLY B 133 -2.59 15.78 -20.87
CA GLY B 133 -1.89 14.51 -20.79
C GLY B 133 -0.40 14.60 -20.51
N GLN B 134 0.22 15.77 -20.66
CA GLN B 134 1.65 15.93 -20.34
C GLN B 134 1.90 15.65 -18.85
N THR B 135 2.94 14.87 -18.56
CA THR B 135 3.25 14.52 -17.19
C THR B 135 4.61 15.02 -16.72
N ARG B 136 4.74 15.19 -15.41
CA ARG B 136 6.04 15.37 -14.78
C ARG B 136 5.95 14.92 -13.34
N ALA B 137 7.10 14.68 -12.72
CA ALA B 137 7.14 14.28 -11.32
C ALA B 137 8.52 14.50 -10.76
N HIS B 138 8.56 15.08 -9.57
CA HIS B 138 9.81 15.37 -8.88
C HIS B 138 9.65 15.26 -7.37
N GLU B 139 10.79 15.16 -6.69
CA GLU B 139 10.86 15.19 -5.24
C GLU B 139 10.09 16.36 -4.67
N ALA B 140 9.47 16.13 -3.53
CA ALA B 140 8.78 17.19 -2.81
C ALA B 140 8.67 16.84 -1.33
N LYS B 141 8.52 17.86 -0.51
CA LYS B 141 8.30 17.71 0.92
C LYS B 141 7.01 18.39 1.32
N VAL B 142 6.27 17.79 2.25
CA VAL B 142 5.13 18.44 2.85
C VAL B 142 5.40 18.52 4.35
N ASP B 143 5.58 19.73 4.85
CA ASP B 143 5.83 19.95 6.27
C ASP B 143 4.50 20.15 6.98
N THR B 144 4.13 19.18 7.82
CA THR B 144 2.82 19.20 8.46
C THR B 144 2.74 20.19 9.63
N ARG B 145 3.87 20.83 9.94
CA ARG B 145 3.94 21.79 11.04
C ARG B 145 3.74 23.23 10.54
N LEU B 146 3.74 23.43 9.23
CA LEU B 146 3.64 24.77 8.68
C LEU B 146 2.32 25.42 9.05
N ALA B 147 2.34 26.75 9.18
CA ALA B 147 1.11 27.50 9.44
C ALA B 147 0.04 27.27 8.35
N ARG B 148 0.48 27.05 7.10
CA ARG B 148 -0.44 26.82 5.97
C ARG B 148 -0.70 25.33 5.67
N PHE B 149 -0.24 24.45 6.56
CA PHE B 149 -0.70 23.07 6.52
C PHE B 149 -2.11 23.08 7.10
N ALA B 150 -3.10 23.02 6.22
CA ALA B 150 -4.49 23.19 6.63
C ALA B 150 -5.43 22.26 5.87
N PRO B 151 -5.15 20.94 5.94
CA PRO B 151 -5.97 19.98 5.20
C PRO B 151 -7.44 19.93 5.61
N LYS B 152 -7.79 20.46 6.78
CA LYS B 152 -9.21 20.60 7.14
C LYS B 152 -9.87 21.62 6.24
N LEU B 153 -9.18 22.75 6.04
CA LEU B 153 -9.67 23.79 5.14
C LEU B 153 -9.55 23.36 3.69
N GLY B 154 -8.60 22.47 3.40
CA GLY B 154 -8.39 21.98 2.03
C GLY B 154 -7.18 22.54 1.33
N PHE B 155 -6.21 23.03 2.08
CA PHE B 155 -4.95 23.54 1.50
C PHE B 155 -3.74 23.02 2.27
N VAL B 156 -2.72 22.58 1.55
CA VAL B 156 -1.41 22.29 2.14
C VAL B 156 -0.31 22.90 1.27
N VAL B 157 0.87 23.08 1.85
CA VAL B 157 1.98 23.61 1.11
C VAL B 157 3.01 22.52 0.88
N ALA B 158 3.38 22.35 -0.38
CA ALA B 158 4.47 21.47 -0.78
C ALA B 158 5.72 22.29 -1.02
N THR B 159 6.86 21.80 -0.57
CA THR B 159 8.13 22.47 -0.78
C THR B 159 8.89 21.66 -1.80
N VAL B 160 9.44 22.33 -2.81
CA VAL B 160 10.16 21.67 -3.88
C VAL B 160 11.47 22.38 -4.23
N GLU B 161 12.36 21.64 -4.87
CA GLU B 161 13.61 22.19 -5.42
C GLU B 161 13.45 22.43 -6.90
N ASN B 162 12.69 21.57 -7.57
CA ASN B 162 12.60 21.63 -9.03
C ASN B 162 11.64 22.71 -9.49
N THR B 163 12.05 23.46 -10.52
CA THR B 163 11.23 24.50 -11.11
C THR B 163 10.24 23.94 -12.13
N ASP B 164 10.39 22.67 -12.49
CA ASP B 164 9.56 22.06 -13.54
C ASP B 164 8.24 21.55 -12.94
N PHE B 165 7.37 22.48 -12.53
CA PHE B 165 5.99 22.17 -12.16
C PHE B 165 5.02 23.16 -12.82
N HIS B 166 3.80 22.71 -13.08
CA HIS B 166 2.80 23.53 -13.77
C HIS B 166 1.66 23.90 -12.82
N ALA B 167 1.40 25.20 -12.70
CA ALA B 167 0.30 25.71 -11.90
C ALA B 167 -1.02 25.44 -12.60
N ASN B 168 -2.09 25.40 -11.82
CA ASN B 168 -3.45 25.17 -12.32
C ASN B 168 -3.57 23.88 -13.12
N GLN B 169 -2.84 22.86 -12.70
CA GLN B 169 -2.93 21.53 -13.26
C GLN B 169 -3.02 20.54 -12.11
N PRO B 170 -3.57 19.35 -12.38
CA PRO B 170 -3.71 18.36 -11.31
C PRO B 170 -2.35 17.93 -10.73
N CYS B 171 -2.37 17.45 -9.48
CA CYS B 171 -1.17 16.87 -8.89
C CYS B 171 -1.53 15.79 -7.89
N ARG B 172 -0.56 14.94 -7.63
CA ARG B 172 -0.69 13.92 -6.60
C ARG B 172 0.63 13.90 -5.85
N PHE B 173 0.54 13.88 -4.52
CA PHE B 173 1.70 13.69 -3.66
C PHE B 173 1.68 12.24 -3.15
N THR B 174 2.72 11.50 -3.52
CA THR B 174 2.91 10.14 -3.04
C THR B 174 4.00 10.17 -1.95
N PRO B 175 3.64 9.79 -0.73
CA PRO B 175 4.60 9.80 0.38
C PRO B 175 5.60 8.63 0.26
N VAL B 176 6.85 8.86 0.64
CA VAL B 176 7.84 7.80 0.69
C VAL B 176 8.46 7.66 2.09
N GLY B 177 8.70 8.77 2.76
CA GLY B 177 9.28 8.76 4.10
C GLY B 177 9.33 10.14 4.72
N LEU B 178 10.36 10.37 5.54
CA LEU B 178 10.53 11.62 6.23
C LEU B 178 11.56 12.50 5.54
N GLY B 179 11.36 13.81 5.66
CA GLY B 179 12.14 14.79 4.94
C GLY B 179 12.74 15.85 5.83
N GLY B 180 12.77 15.61 7.13
CA GLY B 180 13.37 16.55 8.07
C GLY B 180 14.87 16.34 8.12
N ASP B 181 15.52 17.02 9.07
CA ASP B 181 16.97 16.97 9.24
C ASP B 181 17.41 16.18 10.46
N ASN B 182 16.50 15.89 11.38
CA ASN B 182 16.86 15.19 12.62
C ASN B 182 15.63 14.64 13.31
N ASN B 183 15.83 13.92 14.41
CA ASN B 183 14.72 13.29 15.10
C ASN B 183 13.71 14.30 15.69
N ARG B 184 14.18 15.51 16.02
CA ARG B 184 13.29 16.53 16.59
C ARG B 184 12.31 17.07 15.55
N ASP B 185 12.62 16.90 14.26
CA ASP B 185 11.68 17.30 13.19
C ASP B 185 10.51 16.31 13.02
N PHE B 186 10.48 15.23 13.79
CA PHE B 186 9.44 14.23 13.66
C PHE B 186 8.88 13.90 15.02
N ASN B 187 7.60 14.15 15.22
CA ASN B 187 6.96 13.90 16.51
C ASN B 187 5.68 13.10 16.27
N GLN B 188 5.80 11.78 16.30
CA GLN B 188 4.77 10.90 15.78
C GLN B 188 3.47 10.97 16.54
N TRP B 189 3.53 11.32 17.82
CA TRP B 189 2.30 11.42 18.62
C TRP B 189 1.80 12.86 18.77
N GLY B 190 2.46 13.82 18.14
CA GLY B 190 1.96 15.20 18.10
C GLY B 190 1.09 15.39 16.87
N LEU B 191 -0.17 15.72 17.08
CA LEU B 191 -1.09 15.96 15.95
C LEU B 191 -0.76 17.28 15.27
N PRO B 192 -0.93 17.33 13.93
CA PRO B 192 -0.79 18.63 13.33
C PRO B 192 -2.00 19.47 13.66
N ALA B 193 -1.89 20.77 13.44
CA ALA B 193 -3.03 21.66 13.52
C ALA B 193 -3.69 21.58 12.16
N TYR B 194 -4.69 20.71 12.04
CA TYR B 194 -5.31 20.41 10.73
C TYR B 194 -5.94 21.64 10.06
N GLY B 195 -6.36 22.63 10.84
CA GLY B 195 -7.00 23.83 10.29
C GLY B 195 -6.04 24.98 10.01
N GLY B 196 -4.75 24.74 10.22
CA GLY B 196 -3.72 25.78 10.11
C GLY B 196 -3.29 26.28 11.48
N ALA B 197 -2.25 27.11 11.50
CA ALA B 197 -1.73 27.65 12.75
C ALA B 197 -2.81 28.32 13.57
N LEU B 198 -2.76 28.11 14.88
CA LEU B 198 -3.63 28.76 15.84
C LEU B 198 -5.12 28.41 15.65
N THR B 199 -5.41 27.21 15.15
CA THR B 199 -6.79 26.70 15.04
C THR B 199 -6.96 25.42 15.84
N ASN B 200 -8.19 25.09 16.22
CA ASN B 200 -8.46 23.92 17.04
C ASN B 200 -8.89 22.73 16.21
N ASN B 201 -8.29 21.57 16.45
CA ASN B 201 -8.67 20.34 15.74
C ASN B 201 -10.09 19.91 16.10
N THR B 202 -10.75 19.29 15.15
CA THR B 202 -12.11 18.84 15.31
C THR B 202 -12.25 17.37 14.93
N ASN B 203 -13.35 16.78 15.38
CA ASN B 203 -13.79 15.47 14.95
C ASN B 203 -12.74 14.37 15.18
N LEU B 204 -11.94 14.50 16.24
CA LEU B 204 -10.82 13.61 16.48
C LEU B 204 -11.29 12.26 17.01
N ALA B 205 -10.65 11.20 16.53
CA ALA B 205 -10.77 9.92 17.20
C ALA B 205 -10.17 10.15 18.59
N PRO B 206 -10.74 9.55 19.64
CA PRO B 206 -10.27 9.87 20.98
C PRO B 206 -8.88 9.32 21.33
N PRO B 207 -8.24 9.88 22.38
CA PRO B 207 -6.98 9.29 22.83
C PRO B 207 -7.20 7.85 23.31
N VAL B 208 -6.15 7.03 23.30
CA VAL B 208 -6.22 5.66 23.78
C VAL B 208 -5.21 5.48 24.89
N MET B 209 -5.57 4.64 25.86
CA MET B 209 -4.67 4.33 26.95
C MET B 209 -5.08 3.03 27.63
N PRO B 210 -4.12 2.37 28.30
CA PRO B 210 -4.47 1.17 29.06
C PRO B 210 -5.33 1.57 30.25
N VAL B 211 -6.27 0.72 30.63
CA VAL B 211 -7.12 0.99 31.78
C VAL B 211 -6.66 0.18 33.01
N TYR B 212 -6.20 -1.04 32.79
CA TYR B 212 -5.67 -1.87 33.86
C TYR B 212 -4.33 -1.31 34.33
N PRO B 213 -4.19 -1.03 35.63
CA PRO B 213 -2.93 -0.43 36.09
C PRO B 213 -1.69 -1.27 35.75
N GLY B 214 -0.65 -0.61 35.25
CA GLY B 214 0.57 -1.30 34.90
C GLY B 214 0.65 -1.77 33.46
N GLU B 215 -0.49 -1.85 32.76
CA GLU B 215 -0.46 -2.27 31.38
C GLU B 215 0.10 -1.18 30.47
N GLN B 216 0.61 -1.57 29.32
CA GLN B 216 1.11 -0.62 28.32
C GLN B 216 0.47 -0.95 26.98
N LEU B 217 0.39 0.06 26.13
CA LEU B 217 -0.03 -0.13 24.75
C LEU B 217 1.02 -0.99 24.03
N LEU B 218 0.55 -1.76 23.07
CA LEU B 218 1.39 -2.52 22.16
C LEU B 218 1.09 -2.07 20.74
N PHE B 219 2.13 -1.62 20.04
CA PHE B 219 1.98 -1.02 18.71
C PHE B 219 2.54 -1.92 17.63
N PHE B 220 2.00 -1.77 16.41
CA PHE B 220 2.59 -2.35 15.22
C PHE B 220 3.52 -1.28 14.62
N ARG B 221 4.83 -1.57 14.54
CA ARG B 221 5.83 -0.53 14.29
C ARG B 221 6.48 -0.69 12.92
N SER B 222 6.67 0.43 12.24
CA SER B 222 7.38 0.49 10.97
C SER B 222 8.55 1.42 11.13
N GLN B 223 9.49 1.33 10.20
CA GLN B 223 10.58 2.28 10.12
C GLN B 223 10.58 2.96 8.76
N LEU B 224 10.40 4.26 8.74
CA LEU B 224 10.29 4.99 7.49
C LEU B 224 11.65 5.38 6.91
N PRO B 225 11.73 5.45 5.57
CA PRO B 225 12.90 6.05 4.94
C PRO B 225 13.04 7.54 5.33
N SER B 226 14.22 8.09 5.10
CA SER B 226 14.50 9.45 5.49
C SER B 226 15.45 10.08 4.49
N SER B 227 15.23 11.35 4.19
CA SER B 227 16.03 12.05 3.21
C SER B 227 17.24 12.76 3.82
N GLY B 228 17.39 12.73 5.13
CA GLY B 228 18.53 13.36 5.75
C GLY B 228 18.59 13.12 7.23
N GLY B 229 19.81 13.19 7.77
CA GLY B 229 20.05 13.09 9.19
C GLY B 229 20.13 11.67 9.70
N VAL B 230 20.44 11.56 10.98
CA VAL B 230 20.43 10.29 11.69
C VAL B 230 19.04 10.17 12.30
N VAL B 231 18.10 9.67 11.49
CA VAL B 231 16.70 9.72 11.81
C VAL B 231 16.15 8.30 11.93
N GLY B 232 15.61 7.97 13.10
CA GLY B 232 15.10 6.63 13.34
C GLY B 232 13.91 6.29 12.48
N GLY B 233 12.99 7.24 12.34
CA GLY B 233 11.83 7.08 11.47
C GLY B 233 10.80 6.08 11.96
N TRP B 234 10.77 5.85 13.26
CA TRP B 234 9.88 4.82 13.82
C TRP B 234 8.45 5.34 13.89
N LEU B 235 7.52 4.56 13.36
CA LEU B 235 6.12 4.94 13.34
C LEU B 235 5.25 3.79 13.84
N ASP B 236 4.50 4.07 14.90
CA ASP B 236 3.63 3.09 15.55
C ASP B 236 2.18 3.27 15.16
N CYS B 237 1.51 2.18 14.80
CA CYS B 237 0.07 2.24 14.59
C CYS B 237 -0.64 1.33 15.59
N LEU B 238 -1.92 1.59 15.81
CA LEU B 238 -2.71 0.84 16.77
C LEU B 238 -3.15 -0.49 16.21
N LEU B 239 -3.48 -0.49 14.92
CA LEU B 239 -3.88 -1.67 14.16
C LEU B 239 -3.25 -1.56 12.78
N PRO B 240 -2.79 -2.69 12.20
CA PRO B 240 -2.27 -2.64 10.84
C PRO B 240 -3.41 -2.41 9.87
N GLN B 241 -3.08 -1.95 8.67
CA GLN B 241 -4.10 -1.56 7.70
C GLN B 241 -5.01 -2.71 7.36
N GLU B 242 -4.51 -3.94 7.39
CA GLU B 242 -5.32 -5.11 7.05
C GLU B 242 -6.35 -5.43 8.12
N TRP B 243 -6.02 -5.14 9.38
CA TRP B 243 -6.98 -5.33 10.45
C TRP B 243 -8.09 -4.28 10.33
N VAL B 244 -7.72 -3.05 9.98
CA VAL B 244 -8.69 -1.99 9.74
C VAL B 244 -9.68 -2.43 8.64
N GLN B 245 -9.16 -2.95 7.53
CA GLN B 245 -9.99 -3.42 6.43
C GLN B 245 -10.87 -4.61 6.84
N HIS B 246 -10.28 -5.55 7.57
CA HIS B 246 -11.00 -6.73 8.04
C HIS B 246 -12.16 -6.36 8.96
N PHE B 247 -11.90 -5.53 9.97
CA PHE B 247 -12.96 -5.16 10.92
C PHE B 247 -14.06 -4.38 10.22
N PHE B 248 -13.67 -3.46 9.34
CA PHE B 248 -14.65 -2.74 8.54
C PHE B 248 -15.59 -3.68 7.77
N GLN B 249 -15.03 -4.67 7.08
CA GLN B 249 -15.83 -5.61 6.28
C GLN B 249 -16.66 -6.53 7.15
N GLU B 250 -16.05 -7.08 8.20
CA GLU B 250 -16.72 -8.07 9.04
C GLU B 250 -17.78 -7.45 9.93
N SER B 251 -17.45 -6.31 10.53
CA SER B 251 -18.33 -5.63 11.45
C SER B 251 -18.98 -6.61 12.42
N ALA B 252 -18.15 -7.45 13.02
CA ALA B 252 -18.61 -8.50 13.90
C ALA B 252 -19.06 -7.97 15.26
N THR B 253 -19.92 -8.75 15.91
CA THR B 253 -20.43 -8.41 17.24
C THR B 253 -19.31 -8.46 18.27
N SER B 254 -19.05 -7.34 18.94
CA SER B 254 -18.16 -7.33 20.08
C SER B 254 -18.96 -7.79 21.29
N GLN B 255 -18.70 -9.01 21.75
CA GLN B 255 -19.45 -9.58 22.88
C GLN B 255 -19.05 -8.96 24.21
N SER B 256 -17.83 -8.39 24.26
CA SER B 256 -17.38 -7.60 25.40
C SER B 256 -16.45 -6.50 24.88
N ASP B 257 -15.94 -5.66 25.77
CA ASP B 257 -15.01 -4.58 25.40
C ASP B 257 -13.59 -5.06 25.19
N VAL B 258 -13.32 -6.34 25.48
CA VAL B 258 -11.95 -6.82 25.48
C VAL B 258 -11.87 -8.22 24.88
N ALA B 259 -11.17 -8.31 23.78
CA ALA B 259 -10.90 -9.60 23.16
C ALA B 259 -9.51 -10.03 23.58
N LEU B 260 -9.41 -11.20 24.21
CA LEU B 260 -8.11 -11.76 24.55
C LEU B 260 -7.50 -12.39 23.30
N VAL B 261 -6.27 -11.98 22.99
CA VAL B 261 -5.56 -12.51 21.84
C VAL B 261 -4.21 -13.03 22.30
N ARG B 262 -3.67 -13.97 21.54
CA ARG B 262 -2.37 -14.56 21.85
C ARG B 262 -1.50 -14.58 20.63
N TYR B 263 -0.23 -14.27 20.83
CA TYR B 263 0.72 -14.27 19.72
C TYR B 263 1.43 -15.61 19.71
N ILE B 264 1.37 -16.28 18.55
CA ILE B 264 1.80 -17.65 18.41
C ILE B 264 3.11 -17.79 17.62
N ASN B 265 3.98 -18.66 18.12
CA ASN B 265 5.20 -19.07 17.42
C ASN B 265 4.81 -20.06 16.33
N PRO B 266 5.12 -19.71 15.07
CA PRO B 266 4.63 -20.54 13.96
C PRO B 266 5.32 -21.92 13.86
N THR B 267 6.56 -22.00 14.35
CA THR B 267 7.34 -23.25 14.33
C THR B 267 6.79 -24.27 15.34
N THR B 268 6.66 -23.83 16.59
CA THR B 268 6.24 -24.70 17.68
C THR B 268 4.73 -24.72 17.93
N GLY B 269 4.04 -23.64 17.57
CA GLY B 269 2.63 -23.48 17.93
C GLY B 269 2.44 -22.98 19.36
N ARG B 270 3.54 -22.67 20.03
CA ARG B 270 3.54 -22.24 21.41
C ARG B 270 3.05 -20.78 21.53
N VAL B 271 2.27 -20.48 22.56
CA VAL B 271 1.90 -19.10 22.88
C VAL B 271 3.16 -18.38 23.35
N LEU B 272 3.47 -17.26 22.71
CA LEU B 272 4.60 -16.43 23.12
C LEU B 272 4.17 -15.39 24.14
N PHE B 273 3.05 -14.70 23.90
CA PHE B 273 2.50 -13.78 24.88
C PHE B 273 1.00 -13.55 24.67
N GLU B 274 0.36 -12.96 25.68
CA GLU B 274 -1.05 -12.58 25.65
C GLU B 274 -1.19 -11.09 25.52
N ALA B 275 -2.28 -10.66 24.90
CA ALA B 275 -2.60 -9.23 24.86
C ALA B 275 -4.11 -9.05 24.88
N LYS B 276 -4.54 -7.85 25.27
CA LYS B 276 -5.93 -7.46 25.16
C LYS B 276 -6.11 -6.63 23.91
N LEU B 277 -7.09 -7.01 23.09
CA LEU B 277 -7.52 -6.19 21.98
C LEU B 277 -8.79 -5.49 22.41
N HIS B 278 -8.66 -4.20 22.68
CA HIS B 278 -9.77 -3.41 23.17
C HIS B 278 -10.71 -3.04 22.02
N LYS B 279 -12.00 -3.00 22.33
CA LYS B 279 -13.02 -2.68 21.35
C LYS B 279 -12.75 -1.37 20.58
N GLN B 280 -12.21 -0.36 21.26
CA GLN B 280 -11.91 0.95 20.61
C GLN B 280 -10.85 0.81 19.50
N GLY B 281 -10.09 -0.29 19.51
CA GLY B 281 -9.19 -0.65 18.41
C GLY B 281 -7.72 -0.42 18.73
N PHE B 282 -7.25 -1.09 19.77
CA PHE B 282 -5.84 -1.03 20.16
C PHE B 282 -5.54 -2.18 21.10
N LEU B 283 -4.26 -2.49 21.24
CA LEU B 283 -3.79 -3.59 22.09
C LEU B 283 -3.11 -3.07 23.36
N THR B 284 -3.25 -3.81 24.45
CA THR B 284 -2.42 -3.59 25.63
C THR B 284 -1.78 -4.89 26.10
N VAL B 285 -0.69 -4.76 26.84
CA VAL B 285 0.07 -5.89 27.35
C VAL B 285 0.51 -5.60 28.78
N ALA B 286 0.83 -6.65 29.52
CA ALA B 286 1.40 -6.51 30.86
C ALA B 286 2.92 -6.48 30.69
N ALA B 287 3.43 -5.28 30.52
CA ALA B 287 4.85 -5.05 30.28
C ALA B 287 5.23 -3.74 30.90
N SER B 288 6.53 -3.54 31.12
CA SER B 288 7.03 -2.27 31.66
C SER B 288 8.30 -1.86 30.92
N GLY B 289 8.27 -0.66 30.37
CA GLY B 289 9.42 -0.09 29.68
C GLY B 289 9.22 0.05 28.18
N SER B 290 10.25 0.57 27.51
CA SER B 290 10.21 0.94 26.11
C SER B 290 11.09 0.02 25.29
N TYR B 291 10.50 -0.88 24.51
CA TYR B 291 11.31 -1.85 23.77
C TYR B 291 10.54 -2.57 22.69
N PRO B 292 11.26 -3.01 21.65
CA PRO B 292 10.65 -3.86 20.63
C PRO B 292 10.61 -5.28 21.15
N LEU B 293 9.54 -5.99 20.85
CA LEU B 293 9.41 -7.37 21.31
C LEU B 293 10.38 -8.24 20.52
N VAL B 294 10.94 -9.25 21.17
CA VAL B 294 11.77 -10.23 20.48
C VAL B 294 10.91 -11.44 20.20
N VAL B 295 10.31 -11.46 19.01
CA VAL B 295 9.42 -12.53 18.58
C VAL B 295 9.64 -12.78 17.10
N PRO B 296 9.34 -13.99 16.63
CA PRO B 296 9.46 -14.25 15.19
C PRO B 296 8.51 -13.35 14.37
N ALA B 297 9.06 -12.76 13.30
CA ALA B 297 8.27 -11.89 12.44
C ALA B 297 7.23 -12.67 11.63
N ASP B 298 7.37 -13.99 11.55
CA ASP B 298 6.36 -14.83 10.92
C ASP B 298 5.37 -15.42 11.93
N GLY B 299 5.37 -14.91 13.15
CA GLY B 299 4.33 -15.24 14.14
C GLY B 299 3.02 -14.52 13.81
N TYR B 300 1.98 -14.81 14.56
CA TYR B 300 0.67 -14.23 14.29
C TYR B 300 -0.21 -14.26 15.53
N PHE B 301 -1.17 -13.35 15.55
CA PHE B 301 -2.14 -13.25 16.62
C PHE B 301 -3.31 -14.20 16.37
N ARG B 302 -3.78 -14.82 17.44
CA ARG B 302 -4.95 -15.69 17.41
C ARG B 302 -5.94 -15.15 18.42
N PHE B 303 -7.20 -14.97 18.01
CA PHE B 303 -8.26 -14.58 18.94
C PHE B 303 -8.58 -15.77 19.85
N GLU B 304 -8.60 -15.54 21.17
CA GLU B 304 -8.85 -16.61 22.15
C GLU B 304 -10.27 -16.61 22.68
N SER B 305 -10.67 -15.48 23.27
CA SER B 305 -11.99 -15.39 23.88
C SER B 305 -12.30 -13.97 24.25
N TRP B 306 -13.56 -13.74 24.62
CA TRP B 306 -13.99 -12.45 25.16
C TRP B 306 -13.78 -12.46 26.67
N VAL B 307 -13.18 -11.41 27.19
CA VAL B 307 -12.94 -11.29 28.63
C VAL B 307 -13.44 -9.92 29.06
N ASN B 308 -13.15 -9.51 30.29
CA ASN B 308 -13.51 -8.17 30.73
C ASN B 308 -12.26 -7.39 31.10
N GLN B 309 -12.43 -6.14 31.55
CA GLN B 309 -11.30 -5.27 31.87
C GLN B 309 -10.49 -5.73 33.08
N PHE B 310 -11.06 -6.61 33.92
CA PHE B 310 -10.36 -7.13 35.10
C PHE B 310 -9.42 -8.27 34.79
N TYR B 311 -9.44 -8.79 33.56
CA TYR B 311 -8.58 -9.91 33.22
C TYR B 311 -7.12 -9.54 33.41
N THR B 312 -6.38 -10.40 34.10
CA THR B 312 -4.98 -10.16 34.36
C THR B 312 -4.17 -10.90 33.30
N LEU B 313 -3.41 -10.16 32.51
CA LEU B 313 -2.55 -10.76 31.48
C LEU B 313 -1.29 -11.33 32.09
N ALA B 314 -0.84 -12.45 31.55
CA ALA B 314 0.48 -12.95 31.92
C ALA B 314 1.55 -11.91 31.52
N PRO B 315 2.56 -11.72 32.38
CA PRO B 315 3.64 -10.79 32.05
C PRO B 315 4.24 -11.09 30.68
N MET B 316 4.44 -10.05 29.86
CA MET B 316 4.97 -10.27 28.51
C MET B 316 6.43 -10.72 28.51
N GLY B 317 7.23 -10.16 29.41
CA GLY B 317 8.68 -10.30 29.31
C GLY B 317 9.19 -9.66 28.03
N ASN B 318 10.16 -10.30 27.39
CA ASN B 318 10.72 -9.84 26.10
C ASN B 318 9.84 -10.17 24.90
N GLY B 319 8.89 -11.08 25.10
CA GLY B 319 7.98 -11.47 24.05
C GLY B 319 7.80 -12.97 24.06
#